data_2WOY
#
_entry.id   2WOY
#
_cell.length_a   37.745
_cell.length_b   50.290
_cell.length_c   94.370
_cell.angle_alpha   90.00
_cell.angle_beta   97.44
_cell.angle_gamma   90.00
#
_symmetry.space_group_name_H-M   'P 1 21 1'
#
loop_
_entity.id
_entity.type
_entity.pdbx_description
1 polymer 'AGGLUTININ RECEPTOR'
2 non-polymer 'CALCIUM ION'
3 water water
#
_entity_poly.entity_id   1
_entity_poly.type   'polypeptide(L)'
_entity_poly.pdbx_seq_one_letter_code
;HHHHHHP(MSE)SNTNIPTTENLYPEGA(MSE)VNKNKEGLNIDGKEVLAGSTNYYELTWDLDQYKGDKSSKEAIQNGFY
YVDDYPEEALDVRPDLVKVADEKGNQVSGVSVQQYDSLEAAPKKVQDLLKKANITVKGAFQLFSADNPEEFYKQYVATGT
SLVITDP(MSE)TVKSEFGKTGGKYENKAYQIDFGNGYATEVVVNNVPKITPKKDVTVSLDPTSENLDGQTVQLYQTFNY
RLIGGLIPQNHSEELEDYSFVDDYDQAGDQYTGNYKTFSSLNLT(MSE)KDGSVIKAGTDLTSQTTAETDATNGIVTVRF
KEDFLQKISLDSPFQAETYLQ(MSE)RRIAIGTFENTYVNTVNKVAYASNTVRTTT
;
_entity_poly.pdbx_strand_id   A
#
loop_
_chem_comp.id
_chem_comp.type
_chem_comp.name
_chem_comp.formula
CA non-polymer 'CALCIUM ION' 'Ca 2'
#
# COMPACT_ATOMS: atom_id res chain seq x y z
N ALA A 24 -23.98 -2.31 1.07
CA ALA A 24 -22.93 -2.65 0.11
C ALA A 24 -21.64 -1.91 0.41
N MSE A 25 -20.52 -2.61 0.22
CA MSE A 25 -19.22 -1.99 0.35
C MSE A 25 -18.30 -2.52 -0.74
O MSE A 25 -18.25 -3.73 -1.01
CB MSE A 25 -18.57 -2.30 1.70
CG MSE A 25 -17.14 -1.76 1.81
SE MSE A 25 -16.11 -2.36 3.38
CE MSE A 25 -17.26 -1.68 4.81
N VAL A 26 -17.55 -1.62 -1.35
CA VAL A 26 -16.51 -2.10 -2.25
C VAL A 26 -15.27 -1.27 -2.03
N ASN A 27 -14.12 -1.89 -2.32
CA ASN A 27 -12.85 -1.18 -2.28
C ASN A 27 -12.43 -0.94 -3.72
N LYS A 28 -11.89 0.23 -4.01
CA LYS A 28 -11.43 0.51 -5.37
C LYS A 28 -10.06 1.18 -5.35
N ASN A 29 -9.32 1.06 -6.47
CA ASN A 29 -8.13 1.89 -6.63
C ASN A 29 -8.50 3.28 -7.16
N LYS A 30 -7.54 4.17 -7.34
CA LYS A 30 -7.88 5.55 -7.68
C LYS A 30 -8.60 5.67 -9.02
N GLU A 31 -8.25 4.78 -9.95
CA GLU A 31 -8.85 4.77 -11.29
C GLU A 31 -10.23 4.10 -11.33
N GLY A 32 -10.61 3.43 -10.24
CA GLY A 32 -11.98 2.94 -10.12
C GLY A 32 -12.15 1.45 -10.25
N LEU A 33 -11.05 0.74 -10.44
CA LEU A 33 -11.12 -0.71 -10.50
C LEU A 33 -11.49 -1.27 -9.13
N ASN A 34 -12.36 -2.28 -9.11
CA ASN A 34 -12.66 -3.01 -7.88
C ASN A 34 -11.42 -3.77 -7.42
N ILE A 35 -11.00 -3.54 -6.18
CA ILE A 35 -9.81 -4.23 -5.70
C ILE A 35 -10.07 -5.13 -4.46
N ASP A 36 -11.32 -5.53 -4.24
CA ASP A 36 -11.63 -6.42 -3.11
C ASP A 36 -10.73 -7.65 -3.19
N GLY A 37 -10.13 -8.05 -2.06
CA GLY A 37 -9.27 -9.23 -2.01
C GLY A 37 -7.88 -9.13 -2.59
N LYS A 38 -7.59 -8.03 -3.29
CA LYS A 38 -6.30 -7.86 -3.95
C LYS A 38 -5.15 -7.56 -2.97
N GLU A 39 -3.93 -7.75 -3.49
CA GLU A 39 -2.70 -7.37 -2.78
C GLU A 39 -2.55 -5.87 -2.89
N VAL A 40 -2.44 -5.20 -1.73
CA VAL A 40 -2.29 -3.76 -1.70
C VAL A 40 -0.96 -3.42 -1.05
N LEU A 41 -0.09 -2.80 -1.85
CA LEU A 41 1.24 -2.44 -1.38
C LEU A 41 1.16 -1.37 -0.30
N ALA A 42 2.06 -1.44 0.66
CA ALA A 42 2.20 -0.36 1.63
C ALA A 42 2.36 0.95 0.86
N GLY A 43 1.68 2.00 1.31
CA GLY A 43 1.70 3.28 0.62
C GLY A 43 0.55 3.50 -0.34
N SER A 44 -0.14 2.41 -0.70
CA SER A 44 -1.30 2.52 -1.59
C SER A 44 -2.56 2.91 -0.85
N THR A 45 -3.49 3.49 -1.60
CA THR A 45 -4.73 3.93 -0.99
C THR A 45 -5.89 3.01 -1.40
N ASN A 46 -6.76 2.73 -0.41
CA ASN A 46 -7.99 1.95 -0.55
C ASN A 46 -9.13 2.95 -0.70
N TYR A 47 -9.63 3.14 -1.92
CA TYR A 47 -10.70 4.12 -2.13
C TYR A 47 -12.10 3.51 -1.86
N TYR A 48 -12.40 3.25 -0.58
CA TYR A 48 -13.64 2.55 -0.27
C TYR A 48 -14.84 3.38 -0.69
N GLU A 49 -15.86 2.69 -1.23
CA GLU A 49 -17.18 3.31 -1.47
C GLU A 49 -18.24 2.55 -0.70
N LEU A 50 -18.87 3.27 0.24
CA LEU A 50 -19.82 2.67 1.17
C LEU A 50 -21.19 3.20 0.78
N THR A 51 -22.12 2.30 0.54
CA THR A 51 -23.47 2.72 0.20
C THR A 51 -24.31 2.91 1.47
N TRP A 52 -24.75 4.15 1.69
CA TRP A 52 -25.66 4.49 2.78
C TRP A 52 -27.04 4.26 2.17
N ASP A 53 -27.56 3.05 2.37
CA ASP A 53 -28.67 2.54 1.57
C ASP A 53 -30.01 2.88 2.19
N LEU A 54 -30.73 3.83 1.58
CA LEU A 54 -32.01 4.30 2.13
C LEU A 54 -33.17 3.97 1.22
N ASP A 55 -32.90 3.19 0.18
CA ASP A 55 -33.89 2.92 -0.85
C ASP A 55 -35.17 2.34 -0.32
N GLN A 56 -35.07 1.46 0.68
CA GLN A 56 -36.25 0.74 1.17
C GLN A 56 -37.22 1.61 1.95
N TYR A 57 -36.79 2.82 2.28
CA TYR A 57 -37.62 3.67 3.12
C TYR A 57 -38.54 4.61 2.37
N LYS A 58 -38.56 4.52 1.05
CA LYS A 58 -39.51 5.33 0.29
C LYS A 58 -40.91 5.05 0.83
N GLY A 59 -41.63 6.11 1.17
CA GLY A 59 -42.98 6.00 1.71
C GLY A 59 -43.02 5.46 3.12
N ASP A 60 -41.93 5.68 3.86
CA ASP A 60 -41.85 5.23 5.25
C ASP A 60 -42.85 6.00 6.11
N LYS A 61 -43.37 5.34 7.15
CA LYS A 61 -44.36 5.97 8.03
C LYS A 61 -43.96 5.96 9.51
N SER A 62 -42.66 5.89 9.78
CA SER A 62 -42.17 5.77 11.16
C SER A 62 -42.55 6.96 12.05
N SER A 63 -42.55 6.73 13.35
CA SER A 63 -42.94 7.76 14.32
C SER A 63 -41.89 8.84 14.54
N LYS A 64 -42.31 9.93 15.17
CA LYS A 64 -41.43 11.02 15.58
C LYS A 64 -40.28 10.53 16.44
N GLU A 65 -40.60 9.67 17.41
CA GLU A 65 -39.58 9.18 18.34
C GLU A 65 -38.58 8.23 17.68
N ALA A 66 -39.05 7.40 16.74
CA ALA A 66 -38.14 6.55 15.97
C ALA A 66 -37.20 7.40 15.11
N ILE A 67 -37.75 8.41 14.45
CA ILE A 67 -36.98 9.32 13.63
C ILE A 67 -35.94 10.06 14.46
N GLN A 68 -36.36 10.51 15.64
CA GLN A 68 -35.46 11.21 16.54
C GLN A 68 -34.33 10.30 17.02
N ASN A 69 -34.49 9.00 16.83
CA ASN A 69 -33.44 8.06 17.22
C ASN A 69 -32.23 8.16 16.29
N GLY A 70 -32.44 8.76 15.12
CA GLY A 70 -31.34 9.21 14.28
C GLY A 70 -30.85 8.29 13.18
N PHE A 71 -29.96 8.83 12.36
CA PHE A 71 -29.41 8.10 11.23
C PHE A 71 -27.90 8.29 11.17
N TYR A 72 -27.18 7.18 11.13
CA TYR A 72 -25.73 7.23 11.16
C TYR A 72 -25.14 6.16 10.25
N TYR A 73 -23.84 6.30 9.97
CA TYR A 73 -23.08 5.27 9.29
C TYR A 73 -21.77 5.14 10.06
N VAL A 74 -21.36 3.91 10.32
CA VAL A 74 -20.14 3.67 11.10
C VAL A 74 -19.14 2.89 10.25
N ASP A 75 -17.92 3.40 10.14
CA ASP A 75 -16.90 2.59 9.50
C ASP A 75 -15.83 2.22 10.54
N ASP A 76 -15.78 0.94 10.88
CA ASP A 76 -14.75 0.44 11.77
C ASP A 76 -13.57 -0.02 10.91
N TYR A 77 -12.64 0.90 10.66
CA TYR A 77 -11.50 0.60 9.81
C TYR A 77 -10.39 -0.02 10.63
N PRO A 78 -9.51 -0.75 9.97
CA PRO A 78 -8.43 -1.50 10.63
C PRO A 78 -7.21 -0.60 10.83
N GLU A 79 -7.21 0.11 11.95
CA GLU A 79 -6.18 1.11 12.19
C GLU A 79 -4.75 0.57 12.36
N GLU A 80 -4.61 -0.74 12.58
CA GLU A 80 -3.26 -1.32 12.61
C GLU A 80 -2.60 -1.15 11.24
N ALA A 81 -3.43 -1.20 10.20
CA ALA A 81 -2.93 -1.21 8.83
C ALA A 81 -3.11 0.10 8.08
N LEU A 82 -4.18 0.84 8.39
CA LEU A 82 -4.59 1.97 7.57
C LEU A 82 -4.68 3.30 8.31
N ASP A 83 -4.45 4.38 7.58
CA ASP A 83 -4.79 5.72 8.06
C ASP A 83 -5.81 6.34 7.12
N VAL A 84 -6.83 6.96 7.71
CA VAL A 84 -7.81 7.64 6.89
C VAL A 84 -7.16 8.83 6.21
N ARG A 85 -7.64 9.18 5.00
CA ARG A 85 -7.25 10.40 4.33
C ARG A 85 -8.42 11.38 4.46
N PRO A 86 -8.44 12.18 5.56
CA PRO A 86 -9.67 12.89 5.90
C PRO A 86 -10.08 13.93 4.87
N ASP A 87 -9.10 14.45 4.14
CA ASP A 87 -9.36 15.43 3.10
C ASP A 87 -10.08 14.85 1.88
N LEU A 88 -10.12 13.52 1.76
CA LEU A 88 -10.75 12.87 0.62
C LEU A 88 -12.08 12.21 0.95
N VAL A 89 -12.46 12.23 2.22
CA VAL A 89 -13.71 11.62 2.65
C VAL A 89 -14.91 12.48 2.17
N LYS A 90 -15.84 11.86 1.47
CA LYS A 90 -16.98 12.59 0.90
C LYS A 90 -18.27 11.80 1.05
N VAL A 91 -19.37 12.52 1.29
CA VAL A 91 -20.69 11.89 1.29
C VAL A 91 -21.52 12.54 0.20
N ALA A 92 -21.94 11.75 -0.78
CA ALA A 92 -22.62 12.30 -1.94
C ALA A 92 -23.98 11.66 -2.16
N ASP A 93 -24.93 12.44 -2.67
CA ASP A 93 -26.23 11.87 -3.03
C ASP A 93 -26.18 11.23 -4.42
N GLU A 94 -27.36 10.95 -4.97
CA GLU A 94 -27.46 10.21 -6.23
C GLU A 94 -27.13 11.02 -7.48
N LYS A 95 -27.13 12.35 -7.35
CA LYS A 95 -26.70 13.21 -8.44
C LYS A 95 -25.19 13.39 -8.39
N GLY A 96 -24.58 12.97 -7.28
CA GLY A 96 -23.15 13.15 -7.09
C GLY A 96 -22.83 14.42 -6.32
N ASN A 97 -23.85 15.04 -5.75
CA ASN A 97 -23.65 16.28 -4.99
C ASN A 97 -23.35 16.02 -3.52
N GLN A 98 -22.48 16.84 -2.92
CA GLN A 98 -22.17 16.64 -1.51
C GLN A 98 -23.41 16.89 -0.64
N VAL A 99 -23.55 16.08 0.40
CA VAL A 99 -24.71 16.13 1.26
C VAL A 99 -24.42 17.04 2.44
N SER A 100 -25.22 18.10 2.58
CA SER A 100 -25.07 18.94 3.75
C SER A 100 -25.90 18.35 4.91
N GLY A 101 -25.51 18.64 6.13
CA GLY A 101 -26.25 18.12 7.26
C GLY A 101 -25.77 16.74 7.65
N VAL A 102 -24.69 16.29 7.01
CA VAL A 102 -24.01 15.07 7.45
C VAL A 102 -22.57 15.42 7.78
N SER A 103 -22.14 15.05 8.97
CA SER A 103 -20.75 15.27 9.33
C SER A 103 -20.07 13.95 9.70
N VAL A 104 -18.75 14.01 9.80
CA VAL A 104 -17.96 12.81 10.11
C VAL A 104 -16.96 13.12 11.20
N GLN A 105 -16.82 12.21 12.15
CA GLN A 105 -15.72 12.35 13.12
C GLN A 105 -14.99 11.02 13.21
N GLN A 106 -13.66 11.05 13.33
CA GLN A 106 -12.84 9.86 13.54
C GLN A 106 -12.38 9.82 15.00
N TYR A 107 -12.66 8.72 15.70
CA TYR A 107 -12.29 8.59 17.10
C TYR A 107 -11.27 7.48 17.25
N ASP A 108 -10.32 7.63 18.17
CA ASP A 108 -9.24 6.64 18.32
C ASP A 108 -9.72 5.40 19.07
N SER A 109 -10.84 5.53 19.78
CA SER A 109 -11.41 4.40 20.48
C SER A 109 -12.77 4.78 21.01
N LEU A 110 -13.55 3.79 21.41
CA LEU A 110 -14.87 4.02 21.99
C LEU A 110 -14.74 4.87 23.25
N GLU A 111 -13.76 4.52 24.06
CA GLU A 111 -13.47 5.22 25.31
C GLU A 111 -13.23 6.72 25.12
N ALA A 112 -12.49 7.08 24.08
CA ALA A 112 -12.19 8.46 23.72
C ALA A 112 -13.33 9.19 23.04
N ALA A 113 -14.34 8.45 22.59
CA ALA A 113 -15.48 9.05 21.91
C ALA A 113 -16.39 9.78 22.92
N PRO A 114 -17.06 10.84 22.46
CA PRO A 114 -18.03 11.52 23.33
C PRO A 114 -19.04 10.53 23.89
N LYS A 115 -19.55 10.84 25.07
CA LYS A 115 -20.57 10.03 25.73
C LYS A 115 -21.79 9.75 24.83
N LYS A 116 -22.23 10.79 24.13
CA LYS A 116 -23.37 10.65 23.22
C LYS A 116 -23.10 9.58 22.16
N VAL A 117 -21.85 9.52 21.67
CA VAL A 117 -21.48 8.53 20.65
C VAL A 117 -21.44 7.11 21.20
N GLN A 118 -20.83 6.96 22.38
CA GLN A 118 -20.82 5.68 23.08
C GLN A 118 -22.25 5.16 23.25
N ASP A 119 -23.13 6.03 23.70
CA ASP A 119 -24.50 5.63 23.98
C ASP A 119 -25.26 5.20 22.71
N LEU A 120 -25.12 5.95 21.63
CA LEU A 120 -25.84 5.58 20.41
C LEU A 120 -25.31 4.29 19.80
N LEU A 121 -24.01 4.02 19.92
CA LEU A 121 -23.49 2.75 19.42
C LEU A 121 -24.05 1.60 20.23
N LYS A 122 -24.14 1.80 21.54
CA LYS A 122 -24.69 0.76 22.42
C LYS A 122 -26.14 0.44 22.05
N LYS A 123 -26.92 1.49 21.83
CA LYS A 123 -28.33 1.38 21.49
C LYS A 123 -28.51 0.71 20.14
N ALA A 124 -27.63 1.04 19.20
CA ALA A 124 -27.70 0.48 17.86
C ALA A 124 -27.13 -0.92 17.85
N ASN A 125 -26.58 -1.31 19.01
CA ASN A 125 -25.97 -2.60 19.15
C ASN A 125 -24.82 -2.76 18.15
N ILE A 126 -23.92 -1.79 18.12
CA ILE A 126 -22.75 -1.87 17.25
C ILE A 126 -21.49 -1.96 18.09
N THR A 127 -20.64 -2.91 17.76
CA THR A 127 -19.37 -3.11 18.46
C THR A 127 -18.26 -2.68 17.51
N VAL A 128 -17.34 -1.85 17.98
CA VAL A 128 -16.19 -1.47 17.17
C VAL A 128 -14.91 -1.94 17.86
N LYS A 129 -13.85 -2.13 17.07
CA LYS A 129 -12.55 -2.45 17.61
C LYS A 129 -11.62 -1.24 17.41
N GLY A 130 -11.12 -0.69 18.49
CA GLY A 130 -10.20 0.43 18.39
C GLY A 130 -10.82 1.60 17.66
N ALA A 131 -10.10 2.14 16.69
CA ALA A 131 -10.49 3.39 16.03
C ALA A 131 -11.63 3.19 15.02
N PHE A 132 -12.45 4.20 14.82
CA PHE A 132 -13.57 4.10 13.90
C PHE A 132 -14.00 5.49 13.46
N GLN A 133 -14.82 5.58 12.40
CA GLN A 133 -15.44 6.84 12.00
C GLN A 133 -16.94 6.75 12.22
N LEU A 134 -17.54 7.87 12.65
CA LEU A 134 -18.99 8.02 12.74
C LEU A 134 -19.46 9.14 11.80
N PHE A 135 -20.33 8.75 10.87
CA PHE A 135 -21.01 9.69 9.99
C PHE A 135 -22.39 9.88 10.60
N SER A 136 -22.76 11.14 10.78
CA SER A 136 -23.95 11.50 11.55
C SER A 136 -24.84 12.44 10.77
N ALA A 137 -26.14 12.14 10.76
CA ALA A 137 -27.17 13.09 10.35
C ALA A 137 -27.35 14.14 11.45
N ASP A 138 -26.97 15.37 11.15
CA ASP A 138 -26.95 16.46 12.13
C ASP A 138 -28.36 16.71 12.66
N ASN A 139 -29.33 16.62 11.75
CA ASN A 139 -30.72 16.91 12.07
C ASN A 139 -31.57 15.78 11.56
N PRO A 140 -31.87 14.80 12.43
CA PRO A 140 -32.52 13.55 12.02
C PRO A 140 -33.81 13.80 11.26
N GLU A 141 -34.55 14.86 11.61
CA GLU A 141 -35.82 15.13 10.96
C GLU A 141 -35.68 15.69 9.55
N GLU A 142 -34.73 16.59 9.34
CA GLU A 142 -34.43 17.12 8.01
C GLU A 142 -33.85 16.04 7.09
N PHE A 143 -32.89 15.29 7.62
CA PHE A 143 -32.27 14.19 6.88
C PHE A 143 -33.33 13.16 6.46
N TYR A 144 -34.23 12.85 7.40
CA TYR A 144 -35.34 11.94 7.13
C TYR A 144 -36.23 12.45 6.02
N LYS A 145 -36.70 13.69 6.14
CA LYS A 145 -37.58 14.25 5.13
C LYS A 145 -36.92 14.23 3.75
N GLN A 146 -35.61 14.46 3.70
CA GLN A 146 -34.95 14.67 2.42
C GLN A 146 -34.49 13.38 1.71
N TYR A 147 -33.94 12.45 2.49
CA TYR A 147 -33.26 11.28 1.91
C TYR A 147 -33.93 9.97 2.30
N VAL A 148 -34.33 9.82 3.55
CA VAL A 148 -34.90 8.56 4.02
C VAL A 148 -36.29 8.31 3.41
N ALA A 149 -37.25 9.17 3.72
CA ALA A 149 -38.62 9.01 3.23
C ALA A 149 -38.72 9.06 1.71
N THR A 150 -37.72 9.64 1.04
CA THR A 150 -37.69 9.69 -0.41
C THR A 150 -36.96 8.47 -1.01
N GLY A 151 -36.34 7.66 -0.17
CA GLY A 151 -35.65 6.47 -0.64
C GLY A 151 -34.39 6.77 -1.42
N THR A 152 -33.67 7.82 -1.02
CA THR A 152 -32.53 8.29 -1.78
C THR A 152 -31.26 7.79 -1.09
N SER A 153 -30.51 6.94 -1.77
CA SER A 153 -29.27 6.43 -1.17
C SER A 153 -28.10 7.37 -1.38
N LEU A 154 -27.10 7.26 -0.50
CA LEU A 154 -25.93 8.13 -0.53
C LEU A 154 -24.71 7.26 -0.68
N VAL A 155 -23.63 7.83 -1.20
CA VAL A 155 -22.38 7.10 -1.37
C VAL A 155 -21.31 7.82 -0.60
N ILE A 156 -20.67 7.11 0.33
CA ILE A 156 -19.53 7.63 1.06
C ILE A 156 -18.28 7.14 0.38
N THR A 157 -17.43 8.07 -0.07
CA THR A 157 -16.09 7.74 -0.54
C THR A 157 -15.17 7.96 0.66
N ASP A 158 -14.44 6.91 1.03
CA ASP A 158 -13.72 6.90 2.32
C ASP A 158 -12.30 6.36 2.16
N PRO A 159 -11.40 7.17 1.59
CA PRO A 159 -10.11 6.61 1.19
C PRO A 159 -9.17 6.51 2.34
N MSE A 160 -8.37 5.44 2.37
CA MSE A 160 -7.52 5.23 3.48
C MSE A 160 -6.28 4.75 2.84
O MSE A 160 -6.24 3.48 2.11
CB MSE A 160 -8.11 4.17 4.40
CG MSE A 160 -9.58 4.52 4.79
SE MSE A 160 -10.19 3.34 6.22
CE MSE A 160 -12.00 3.86 6.24
N THR A 161 -4.92 4.94 3.60
CA THR A 161 -3.68 4.52 2.99
C THR A 161 -3.06 3.46 3.87
N VAL A 162 -2.49 2.43 3.24
CA VAL A 162 -1.73 1.44 3.97
C VAL A 162 -0.48 2.08 4.56
N LYS A 163 -0.32 1.94 5.87
CA LYS A 163 0.87 2.44 6.59
C LYS A 163 2.16 1.91 5.96
N SER A 164 3.14 2.79 5.82
CA SER A 164 4.39 2.40 5.17
C SER A 164 5.09 1.27 5.91
N GLU A 165 5.13 1.39 7.22
CA GLU A 165 5.85 0.41 8.05
C GLU A 165 5.22 -0.99 7.95
N PHE A 166 3.92 -1.05 7.65
CA PHE A 166 3.21 -2.33 7.56
C PHE A 166 3.75 -3.24 6.45
N GLY A 167 4.38 -2.64 5.43
CA GLY A 167 4.98 -3.40 4.34
C GLY A 167 6.14 -4.28 4.76
N LYS A 168 6.68 -3.99 5.94
CA LYS A 168 7.77 -4.80 6.49
C LYS A 168 7.31 -6.07 7.20
N THR A 169 6.01 -6.16 7.50
CA THR A 169 5.49 -7.39 8.11
C THR A 169 4.43 -7.99 7.22
N GLY A 170 3.56 -7.11 6.71
CA GLY A 170 2.54 -7.51 5.76
C GLY A 170 1.39 -8.17 6.47
N GLY A 171 0.40 -8.60 5.71
CA GLY A 171 -0.69 -9.37 6.29
C GLY A 171 -2.07 -8.86 5.91
N LYS A 172 -3.09 -9.59 6.40
CA LYS A 172 -4.46 -9.26 6.05
C LYS A 172 -5.00 -8.05 6.83
N TYR A 173 -5.89 -7.32 6.21
CA TYR A 173 -6.72 -6.34 6.93
C TYR A 173 -8.11 -6.36 6.36
N GLU A 174 -9.07 -5.95 7.19
CA GLU A 174 -10.43 -5.87 6.69
C GLU A 174 -11.16 -4.65 7.18
N ASN A 175 -11.97 -4.09 6.30
CA ASN A 175 -12.77 -2.92 6.64
C ASN A 175 -14.20 -3.35 6.87
N LYS A 176 -14.79 -2.91 7.99
CA LYS A 176 -16.16 -3.27 8.36
C LYS A 176 -17.01 -2.02 8.47
N ALA A 177 -18.27 -2.08 8.03
CA ALA A 177 -19.15 -0.93 8.19
C ALA A 177 -20.51 -1.34 8.74
N TYR A 178 -21.20 -0.37 9.33
CA TYR A 178 -22.52 -0.59 9.91
C TYR A 178 -23.39 0.61 9.58
N GLN A 179 -24.67 0.37 9.31
CA GLN A 179 -25.59 1.45 9.09
C GLN A 179 -26.59 1.49 10.24
N ILE A 180 -26.89 2.69 10.72
CA ILE A 180 -27.85 2.87 11.81
C ILE A 180 -29.07 3.65 11.32
N ASP A 181 -30.21 2.96 11.25
CA ASP A 181 -31.47 3.57 10.80
C ASP A 181 -32.41 3.65 11.98
N PHE A 182 -32.89 4.86 12.28
CA PHE A 182 -33.78 5.06 13.42
C PHE A 182 -33.13 4.53 14.69
N GLY A 183 -31.82 4.74 14.83
CA GLY A 183 -31.09 4.29 16.00
C GLY A 183 -30.79 2.80 16.08
N ASN A 184 -31.25 2.02 15.11
CA ASN A 184 -30.98 0.60 15.08
C ASN A 184 -29.90 0.30 14.05
N GLY A 185 -28.88 -0.44 14.45
CA GLY A 185 -27.74 -0.67 13.59
C GLY A 185 -27.65 -2.08 13.05
N TYR A 186 -27.00 -2.21 11.90
CA TYR A 186 -26.77 -3.50 11.28
C TYR A 186 -25.52 -3.42 10.40
N ALA A 187 -24.87 -4.56 10.25
CA ALA A 187 -23.65 -4.67 9.47
C ALA A 187 -23.95 -4.54 7.98
N THR A 188 -23.11 -3.81 7.25
CA THR A 188 -23.34 -3.60 5.81
C THR A 188 -22.42 -4.36 4.87
N GLU A 189 -21.14 -4.45 5.20
CA GLU A 189 -20.27 -5.28 4.41
C GLU A 189 -18.90 -5.32 5.03
N VAL A 190 -18.12 -6.31 4.60
CA VAL A 190 -16.72 -6.46 5.00
C VAL A 190 -15.91 -6.71 3.72
N VAL A 191 -14.79 -5.99 3.60
CA VAL A 191 -13.87 -6.18 2.47
C VAL A 191 -12.48 -6.47 3.03
N VAL A 192 -11.88 -7.54 2.54
CA VAL A 192 -10.59 -8.00 3.00
C VAL A 192 -9.55 -7.71 1.91
N ASN A 193 -8.36 -7.31 2.34
CA ASN A 193 -7.22 -7.17 1.45
C ASN A 193 -5.96 -7.71 2.15
N ASN A 194 -4.87 -7.83 1.39
CA ASN A 194 -3.63 -8.32 1.94
C ASN A 194 -2.49 -7.42 1.55
N VAL A 195 -1.61 -7.14 2.50
CA VAL A 195 -0.40 -6.36 2.20
C VAL A 195 0.78 -7.34 2.06
N PRO A 196 1.43 -7.35 0.88
CA PRO A 196 2.57 -8.24 0.72
C PRO A 196 3.76 -7.75 1.55
N LYS A 197 4.57 -8.69 2.04
CA LYS A 197 5.79 -8.30 2.75
C LYS A 197 6.91 -8.15 1.71
N ILE A 198 7.51 -6.97 1.74
CA ILE A 198 8.58 -6.62 0.80
C ILE A 198 9.92 -6.76 1.53
N THR A 199 10.75 -7.69 1.06
CA THR A 199 11.96 -8.11 1.77
C THR A 199 13.13 -8.13 0.80
N PRO A 200 13.77 -6.98 0.64
CA PRO A 200 14.94 -6.93 -0.25
C PRO A 200 16.11 -7.68 0.36
N LYS A 201 17.01 -8.18 -0.49
CA LYS A 201 18.14 -8.97 -0.06
C LYS A 201 19.38 -8.45 -0.76
N LYS A 202 20.51 -8.54 -0.09
CA LYS A 202 21.77 -8.12 -0.64
C LYS A 202 22.78 -9.26 -0.51
N ASP A 203 23.45 -9.59 -1.61
CA ASP A 203 24.50 -10.61 -1.64
C ASP A 203 25.78 -9.99 -2.21
N VAL A 204 26.90 -10.70 -2.09
CA VAL A 204 28.17 -10.29 -2.71
C VAL A 204 28.58 -11.40 -3.67
N THR A 205 28.89 -11.06 -4.91
CA THR A 205 29.29 -12.12 -5.84
C THR A 205 30.49 -11.71 -6.69
N VAL A 206 31.10 -12.66 -7.39
CA VAL A 206 32.06 -12.32 -8.44
C VAL A 206 31.57 -12.81 -9.80
N SER A 207 30.26 -12.94 -9.94
CA SER A 207 29.66 -13.43 -11.19
C SER A 207 28.25 -12.90 -11.33
N LEU A 208 27.73 -12.87 -12.55
CA LEU A 208 26.34 -12.49 -12.80
C LEU A 208 25.40 -13.71 -12.79
N ASP A 209 25.99 -14.92 -12.80
CA ASP A 209 25.21 -16.16 -12.72
C ASP A 209 24.49 -16.18 -11.38
N PRO A 210 23.14 -16.27 -11.39
CA PRO A 210 22.39 -16.25 -10.12
C PRO A 210 22.74 -17.41 -9.21
N THR A 211 23.32 -18.49 -9.76
CA THR A 211 23.70 -19.64 -8.95
C THR A 211 25.07 -19.50 -8.29
N SER A 212 25.81 -18.44 -8.60
CA SER A 212 27.18 -18.27 -8.09
CA SER A 212 27.18 -18.33 -8.08
C SER A 212 27.20 -18.03 -6.58
N GLU A 213 28.32 -18.35 -5.97
CA GLU A 213 28.54 -18.27 -4.52
C GLU A 213 28.39 -16.87 -3.94
N ASN A 214 27.75 -16.81 -2.78
CA ASN A 214 27.65 -15.56 -2.02
C ASN A 214 28.91 -15.38 -1.16
N LEU A 215 29.62 -14.26 -1.33
CA LEU A 215 30.84 -13.97 -0.59
C LEU A 215 30.62 -13.15 0.68
N ASP A 216 29.36 -12.90 1.02
CA ASP A 216 29.03 -12.25 2.30
C ASP A 216 29.72 -13.02 3.41
N GLY A 217 30.45 -12.30 4.25
CA GLY A 217 31.19 -12.90 5.35
C GLY A 217 32.55 -13.44 4.95
N GLN A 218 32.94 -13.25 3.70
CA GLN A 218 34.22 -13.78 3.22
C GLN A 218 35.22 -12.69 2.89
N THR A 219 36.26 -13.03 2.15
CA THR A 219 37.31 -12.07 1.83
C THR A 219 37.19 -11.60 0.40
N VAL A 220 37.58 -10.35 0.18
CA VAL A 220 37.71 -9.75 -1.14
C VAL A 220 39.15 -9.19 -1.20
N GLN A 221 39.88 -9.44 -2.29
CA GLN A 221 41.27 -8.97 -2.35
C GLN A 221 41.30 -7.49 -2.67
N LEU A 222 42.37 -6.82 -2.25
CA LEU A 222 42.55 -5.42 -2.55
C LEU A 222 42.58 -5.23 -4.09
N TYR A 223 41.77 -4.28 -4.57
CA TYR A 223 41.66 -3.90 -5.98
C TYR A 223 40.93 -4.95 -6.80
N GLN A 224 40.39 -5.98 -6.14
CA GLN A 224 39.53 -6.94 -6.84
C GLN A 224 38.20 -6.27 -7.20
N THR A 225 37.68 -6.57 -8.38
CA THR A 225 36.32 -6.15 -8.68
C THR A 225 35.35 -7.26 -8.26
N PHE A 226 34.14 -6.84 -7.91
CA PHE A 226 33.14 -7.78 -7.45
C PHE A 226 31.79 -7.11 -7.62
N ASN A 227 30.70 -7.84 -7.40
CA ASN A 227 29.39 -7.24 -7.45
C ASN A 227 28.70 -7.19 -6.10
N TYR A 228 27.99 -6.09 -5.85
CA TYR A 228 26.90 -6.14 -4.87
C TYR A 228 25.62 -6.50 -5.62
N ARG A 229 25.01 -7.62 -5.23
CA ARG A 229 23.78 -8.08 -5.87
C ARG A 229 22.62 -7.63 -5.01
N LEU A 230 21.83 -6.72 -5.55
CA LEU A 230 20.71 -6.11 -4.84
C LEU A 230 19.41 -6.74 -5.36
N ILE A 231 18.82 -7.64 -4.58
CA ILE A 231 17.62 -8.34 -5.05
C ILE A 231 16.41 -7.58 -4.50
N GLY A 232 15.58 -7.07 -5.39
CA GLY A 232 14.40 -6.32 -5.01
C GLY A 232 13.39 -7.14 -4.27
N GLY A 233 12.43 -6.45 -3.67
CA GLY A 233 11.29 -7.12 -3.05
C GLY A 233 10.38 -7.71 -4.11
N LEU A 234 9.59 -8.69 -3.69
CA LEU A 234 8.68 -9.33 -4.63
C LEU A 234 7.28 -8.68 -4.57
N ILE A 235 6.84 -8.14 -5.70
CA ILE A 235 5.47 -7.65 -5.82
CA ILE A 235 5.48 -7.63 -5.87
C ILE A 235 4.64 -8.80 -6.36
N PRO A 236 3.61 -9.20 -5.63
CA PRO A 236 2.84 -10.36 -6.03
C PRO A 236 1.89 -10.08 -7.18
N GLN A 237 1.43 -11.13 -7.85
CA GLN A 237 0.34 -10.98 -8.80
C GLN A 237 -0.94 -10.53 -8.08
N ASN A 238 -1.92 -10.09 -8.86
CA ASN A 238 -3.19 -9.63 -8.31
C ASN A 238 -2.98 -8.42 -7.39
N HIS A 239 -2.11 -7.51 -7.81
CA HIS A 239 -1.86 -6.29 -7.07
C HIS A 239 -2.83 -5.17 -7.49
N SER A 240 -3.04 -4.20 -6.60
CA SER A 240 -4.22 -3.32 -6.74
C SER A 240 -4.01 -2.11 -7.63
N GLU A 241 -2.76 -1.76 -7.90
CA GLU A 241 -2.54 -0.57 -8.71
C GLU A 241 -1.22 -0.57 -9.44
N GLU A 242 -1.08 0.42 -10.32
CA GLU A 242 0.09 0.53 -11.17
C GLU A 242 1.34 0.66 -10.32
N LEU A 243 2.43 0.09 -10.83
CA LEU A 243 3.73 0.26 -10.23
C LEU A 243 4.31 1.53 -10.84
N GLU A 244 4.74 2.46 -9.98
CA GLU A 244 5.25 3.76 -10.42
C GLU A 244 6.71 3.98 -10.08
N ASP A 245 7.20 3.25 -9.08
CA ASP A 245 8.58 3.35 -8.60
C ASP A 245 9.06 1.98 -8.12
N TYR A 246 10.25 1.61 -8.59
CA TYR A 246 10.95 0.42 -8.11
C TYR A 246 12.40 0.73 -8.29
N SER A 247 13.04 1.09 -7.19
CA SER A 247 14.41 1.62 -7.21
CA SER A 247 14.43 1.57 -7.25
C SER A 247 15.33 0.88 -6.25
N PHE A 248 16.63 0.93 -6.53
CA PHE A 248 17.67 0.34 -5.72
C PHE A 248 18.60 1.47 -5.34
N VAL A 249 18.60 1.87 -4.07
CA VAL A 249 19.42 2.99 -3.58
C VAL A 249 20.50 2.42 -2.72
N ASP A 250 21.77 2.57 -3.13
CA ASP A 250 22.85 1.97 -2.40
C ASP A 250 23.87 3.02 -1.96
N ASP A 251 23.77 3.40 -0.69
CA ASP A 251 24.76 4.28 -0.03
C ASP A 251 25.84 3.36 0.54
N TYR A 252 26.88 3.11 -0.26
CA TYR A 252 27.94 2.17 0.07
C TYR A 252 29.07 2.87 0.80
N ASP A 253 29.97 2.13 1.38
CA ASP A 253 31.05 2.73 2.18
C ASP A 253 32.26 3.02 1.28
N GLN A 254 32.34 4.28 0.87
CA GLN A 254 33.36 4.74 -0.07
C GLN A 254 34.76 4.76 0.56
N ALA A 255 34.85 4.52 1.87
CA ALA A 255 36.19 4.29 2.45
C ALA A 255 36.81 2.96 2.06
N GLY A 256 35.97 1.99 1.68
CA GLY A 256 36.47 0.69 1.28
C GLY A 256 36.07 0.24 -0.11
N ASP A 257 34.97 0.79 -0.63
CA ASP A 257 34.43 0.37 -1.92
C ASP A 257 34.36 1.53 -2.89
N GLN A 258 34.63 1.23 -4.17
CA GLN A 258 34.47 2.21 -5.24
C GLN A 258 33.52 1.65 -6.30
N TYR A 259 32.50 2.42 -6.63
CA TYR A 259 31.61 2.00 -7.72
C TYR A 259 32.34 2.22 -9.05
N THR A 260 32.32 1.22 -9.92
CA THR A 260 33.07 1.31 -11.18
C THR A 260 32.29 2.00 -12.30
N GLY A 261 31.02 2.31 -12.10
CA GLY A 261 30.21 2.88 -13.17
C GLY A 261 29.48 1.86 -14.01
N ASN A 262 29.63 0.58 -13.66
CA ASN A 262 29.01 -0.51 -14.43
C ASN A 262 27.97 -1.23 -13.61
N TYR A 263 26.79 -1.47 -14.18
CA TYR A 263 25.82 -2.33 -13.52
C TYR A 263 24.96 -3.03 -14.55
N LYS A 264 24.30 -4.08 -14.07
CA LYS A 264 23.29 -4.78 -14.88
C LYS A 264 22.08 -5.06 -14.00
N THR A 265 20.90 -5.02 -14.61
CA THR A 265 19.65 -5.31 -13.90
C THR A 265 18.95 -6.45 -14.64
N PHE A 266 18.41 -7.41 -13.89
CA PHE A 266 17.74 -8.57 -14.49
C PHE A 266 16.37 -8.80 -13.86
N SER A 267 15.43 -9.36 -14.63
CA SER A 267 14.19 -9.83 -14.01
CA SER A 267 14.19 -9.83 -14.01
C SER A 267 14.50 -11.03 -13.10
N SER A 268 13.83 -11.11 -11.96
CA SER A 268 14.01 -12.22 -11.04
C SER A 268 12.98 -13.35 -11.27
N LEU A 269 11.94 -13.04 -12.05
CA LEU A 269 10.79 -13.93 -12.26
C LEU A 269 10.28 -13.73 -13.67
N ASN A 270 9.45 -14.65 -14.14
CA ASN A 270 8.72 -14.41 -15.38
C ASN A 270 7.69 -13.30 -15.20
N LEU A 271 7.73 -12.29 -16.05
CA LEU A 271 6.80 -11.18 -16.02
C LEU A 271 5.81 -11.28 -17.15
N THR A 272 4.53 -11.02 -16.85
CA THR A 272 3.54 -10.94 -17.90
C THR A 272 3.14 -9.48 -18.13
N MSE A 273 3.23 -9.04 -19.37
CA MSE A 273 3.04 -7.68 -19.68
C MSE A 273 1.62 -7.47 -20.02
O MSE A 273 0.69 -8.63 -20.41
CB MSE A 273 3.95 -7.28 -20.85
CG MSE A 273 5.36 -7.84 -20.65
SE MSE A 273 6.07 -7.24 -18.92
CE MSE A 273 6.11 -5.61 -19.62
N LYS A 274 0.93 -6.05 -20.10
CA LYS A 274 -0.47 -5.87 -20.41
C LYS A 274 -0.83 -6.44 -21.79
N ASP A 275 0.14 -6.46 -22.71
CA ASP A 275 -0.09 -6.98 -24.06
C ASP A 275 -0.06 -8.50 -24.16
N GLY A 276 0.06 -9.19 -23.03
CA GLY A 276 0.13 -10.64 -22.99
C GLY A 276 1.49 -11.27 -23.23
N SER A 277 2.45 -10.48 -23.67
CA SER A 277 3.81 -11.01 -23.81
C SER A 277 4.45 -11.35 -22.45
N VAL A 278 5.44 -12.24 -22.48
CA VAL A 278 6.11 -12.70 -21.27
C VAL A 278 7.61 -12.41 -21.36
N ILE A 279 8.14 -11.73 -20.34
CA ILE A 279 9.58 -11.58 -20.19
C ILE A 279 10.09 -12.68 -19.24
N LYS A 280 11.01 -13.52 -19.72
CA LYS A 280 11.46 -14.64 -18.94
C LYS A 280 12.36 -14.22 -17.78
N ALA A 281 12.28 -14.95 -16.67
CA ALA A 281 13.19 -14.75 -15.56
C ALA A 281 14.64 -14.76 -16.03
N GLY A 282 15.42 -13.79 -15.56
CA GLY A 282 16.83 -13.73 -15.89
C GLY A 282 17.12 -12.78 -17.04
N THR A 283 16.09 -12.29 -17.72
CA THR A 283 16.29 -11.36 -18.85
C THR A 283 16.94 -10.07 -18.42
N ASP A 284 17.90 -9.59 -19.22
CA ASP A 284 18.57 -8.31 -18.97
C ASP A 284 17.60 -7.15 -19.20
N LEU A 285 17.27 -6.46 -18.10
CA LEU A 285 16.33 -5.32 -18.12
C LEU A 285 17.07 -4.00 -17.90
N THR A 286 18.39 -3.98 -18.11
CA THR A 286 19.18 -2.78 -17.78
C THR A 286 18.67 -1.61 -18.60
N SER A 287 18.32 -1.82 -19.86
CA SER A 287 17.86 -0.71 -20.68
C SER A 287 16.52 -0.09 -20.25
N GLN A 288 15.85 -0.74 -19.30
CA GLN A 288 14.57 -0.26 -18.75
C GLN A 288 14.80 0.50 -17.44
N THR A 289 16.06 0.82 -17.15
CA THR A 289 16.41 1.53 -15.92
C THR A 289 17.26 2.77 -16.25
N THR A 290 17.30 3.69 -15.27
CA THR A 290 18.25 4.78 -15.27
C THR A 290 19.13 4.66 -14.01
N ALA A 291 20.23 5.41 -14.00
CA ALA A 291 21.14 5.37 -12.86
C ALA A 291 21.58 6.78 -12.53
N GLU A 292 21.78 7.02 -11.23
CA GLU A 292 22.26 8.32 -10.76
C GLU A 292 23.37 8.04 -9.76
N THR A 293 24.48 8.77 -9.86
CA THR A 293 25.59 8.55 -8.95
C THR A 293 25.93 9.80 -8.16
N ASP A 294 26.39 9.58 -6.94
CA ASP A 294 26.98 10.62 -6.09
C ASP A 294 28.29 10.03 -5.59
N ALA A 295 29.36 10.23 -6.34
CA ALA A 295 30.64 9.63 -5.95
C ALA A 295 31.18 10.21 -4.65
N THR A 296 30.99 11.50 -4.44
CA THR A 296 31.50 12.16 -3.25
C THR A 296 30.95 11.50 -1.99
N ASN A 297 29.64 11.24 -2.00
CA ASN A 297 29.02 10.61 -0.85
C ASN A 297 28.94 9.11 -0.96
N GLY A 298 29.48 8.55 -2.03
CA GLY A 298 29.43 7.11 -2.25
C GLY A 298 28.03 6.56 -2.25
N ILE A 299 27.25 6.95 -3.25
CA ILE A 299 25.87 6.47 -3.39
C ILE A 299 25.65 6.20 -4.86
N VAL A 300 24.99 5.10 -5.19
CA VAL A 300 24.47 4.87 -6.55
C VAL A 300 23.01 4.44 -6.46
N THR A 301 22.17 4.96 -7.36
CA THR A 301 20.75 4.66 -7.36
C THR A 301 20.37 4.21 -8.77
N VAL A 302 19.69 3.07 -8.84
CA VAL A 302 19.14 2.56 -10.10
C VAL A 302 17.63 2.53 -10.01
N ARG A 303 16.95 3.06 -11.01
CA ARG A 303 15.49 3.17 -10.97
C ARG A 303 14.89 2.58 -12.23
N PHE A 304 13.75 1.91 -12.11
CA PHE A 304 13.00 1.51 -13.31
C PHE A 304 12.28 2.67 -13.97
N LYS A 305 12.28 2.66 -15.30
CA LYS A 305 11.58 3.68 -16.07
C LYS A 305 10.09 3.43 -16.04
N GLU A 306 9.31 4.52 -15.97
CA GLU A 306 7.87 4.45 -16.08
C GLU A 306 7.44 3.78 -17.37
N ASP A 307 8.15 4.02 -18.46
CA ASP A 307 7.76 3.44 -19.74
C ASP A 307 7.65 1.92 -19.61
N PHE A 308 8.49 1.32 -18.77
CA PHE A 308 8.44 -0.12 -18.57
C PHE A 308 7.45 -0.53 -17.49
N LEU A 309 7.51 0.12 -16.35
CA LEU A 309 6.65 -0.29 -15.24
C LEU A 309 5.18 -0.27 -15.63
N GLN A 310 4.80 0.71 -16.45
CA GLN A 310 3.40 0.87 -16.86
C GLN A 310 2.91 -0.28 -17.76
N LYS A 311 3.84 -1.09 -18.26
CA LYS A 311 3.51 -2.22 -19.14
C LYS A 311 3.29 -3.53 -18.37
N ILE A 312 3.60 -3.57 -17.09
CA ILE A 312 3.47 -4.81 -16.32
CA ILE A 312 3.47 -4.79 -16.31
C ILE A 312 1.99 -5.04 -16.00
N SER A 313 1.51 -6.25 -16.28
CA SER A 313 0.10 -6.53 -15.93
C SER A 313 -0.12 -6.43 -14.42
N LEU A 314 -1.28 -5.90 -14.02
CA LEU A 314 -1.65 -5.94 -12.61
C LEU A 314 -1.77 -7.38 -12.08
N ASP A 315 -1.95 -8.33 -12.98
CA ASP A 315 -2.08 -9.73 -12.64
C ASP A 315 -0.75 -10.48 -12.78
N SER A 316 0.35 -9.75 -12.87
CA SER A 316 1.68 -10.38 -12.94
C SER A 316 2.44 -10.06 -11.65
N PRO A 317 3.30 -10.96 -11.19
CA PRO A 317 4.27 -10.57 -10.16
C PRO A 317 5.31 -9.66 -10.78
N PHE A 318 6.06 -8.97 -9.95
CA PHE A 318 7.23 -8.25 -10.46
C PHE A 318 8.35 -8.33 -9.42
N GLN A 319 9.56 -8.66 -9.88
CA GLN A 319 10.76 -8.62 -9.04
C GLN A 319 11.96 -8.54 -9.94
N ALA A 320 12.95 -7.76 -9.51
CA ALA A 320 14.14 -7.60 -10.30
C ALA A 320 15.33 -7.40 -9.39
N GLU A 321 16.53 -7.53 -9.95
CA GLU A 321 17.75 -7.51 -9.16
C GLU A 321 18.85 -6.81 -9.95
N THR A 322 19.65 -6.04 -9.24
CA THR A 322 20.69 -5.24 -9.84
C THR A 322 22.05 -5.66 -9.30
N TYR A 323 23.02 -5.85 -10.20
CA TYR A 323 24.40 -6.14 -9.84
C TYR A 323 25.21 -4.90 -10.10
N LEU A 324 25.65 -4.27 -9.01
CA LEU A 324 26.54 -3.12 -9.07
C LEU A 324 27.97 -3.63 -9.10
N GLN A 325 28.73 -3.26 -10.13
CA GLN A 325 30.16 -3.63 -10.15
C GLN A 325 30.97 -2.66 -9.30
N MSE A 326 31.65 -3.21 -8.32
CA MSE A 326 32.41 -2.43 -7.37
C MSE A 326 33.83 -2.84 -7.59
O MSE A 326 34.26 -4.11 -7.92
CB MSE A 326 32.03 -2.78 -5.92
CG MSE A 326 30.53 -2.70 -5.65
SE MSE A 326 29.64 -0.98 -5.97
CE MSE A 326 30.55 0.01 -4.61
N ARG A 327 34.85 -1.96 -6.75
CA ARG A 327 36.22 -2.37 -6.61
C ARG A 327 36.55 -2.16 -5.16
N ARG A 328 37.20 -3.14 -4.54
CA ARG A 328 37.68 -2.99 -3.16
C ARG A 328 38.95 -2.15 -3.18
N ILE A 329 38.95 -1.05 -2.40
CA ILE A 329 40.00 -0.03 -2.55
C ILE A 329 40.74 0.31 -1.26
N ALA A 330 40.53 -0.51 -0.23
CA ALA A 330 41.29 -0.38 1.01
C ALA A 330 41.28 -1.68 1.77
N ILE A 331 42.30 -1.89 2.59
CA ILE A 331 42.35 -2.99 3.55
C ILE A 331 41.36 -2.65 4.68
N GLY A 332 40.68 -3.67 5.19
CA GLY A 332 39.77 -3.46 6.31
C GLY A 332 38.52 -4.31 6.17
N THR A 333 37.55 -4.07 7.03
CA THR A 333 36.27 -4.77 6.99
C THR A 333 35.20 -3.73 6.64
N PHE A 334 34.38 -4.02 5.62
CA PHE A 334 33.41 -3.07 5.11
C PHE A 334 32.05 -3.68 4.95
N GLU A 335 31.03 -2.90 5.27
CA GLU A 335 29.63 -3.31 5.22
C GLU A 335 28.93 -2.64 4.03
N ASN A 336 27.85 -3.28 3.58
CA ASN A 336 26.93 -2.64 2.63
C ASN A 336 25.48 -3.03 2.94
N THR A 337 24.57 -2.07 2.77
CA THR A 337 23.13 -2.25 2.88
C THR A 337 22.54 -1.46 1.72
N TYR A 338 21.42 -1.91 1.16
CA TYR A 338 20.75 -1.06 0.19
C TYR A 338 19.27 -0.92 0.55
N VAL A 339 18.63 0.09 -0.02
CA VAL A 339 17.22 0.34 0.18
C VAL A 339 16.49 0.13 -1.13
N ASN A 340 15.43 -0.68 -1.11
CA ASN A 340 14.58 -0.89 -2.29
C ASN A 340 13.38 -0.02 -2.03
N THR A 341 13.11 0.93 -2.91
CA THR A 341 11.86 1.65 -2.81
C THR A 341 10.85 1.06 -3.79
N VAL A 342 9.59 0.91 -3.32
CA VAL A 342 8.50 0.35 -4.12
C VAL A 342 7.32 1.32 -3.94
N ASN A 343 6.94 2.00 -5.03
CA ASN A 343 6.02 3.14 -4.98
C ASN A 343 6.38 4.10 -3.85
N LYS A 344 7.67 4.40 -3.80
CA LYS A 344 8.28 5.35 -2.87
C LYS A 344 8.29 5.00 -1.37
N VAL A 345 7.87 3.79 -1.01
CA VAL A 345 8.07 3.29 0.35
C VAL A 345 9.42 2.56 0.40
N ALA A 346 10.22 2.90 1.41
CA ALA A 346 11.57 2.37 1.54
C ALA A 346 11.60 1.10 2.38
N TYR A 347 12.37 0.12 1.89
CA TYR A 347 12.64 -1.14 2.60
C TYR A 347 14.12 -1.44 2.56
N ALA A 348 14.75 -1.59 3.71
CA ALA A 348 16.16 -1.88 3.80
C ALA A 348 16.42 -3.35 3.69
N SER A 349 17.54 -3.66 3.02
CA SER A 349 17.99 -5.04 2.91
C SER A 349 18.75 -5.46 4.16
N ASN A 350 19.15 -6.73 4.20
CA ASN A 350 20.20 -7.18 5.12
C ASN A 350 21.51 -6.43 4.86
N THR A 351 22.39 -6.45 5.86
CA THR A 351 23.70 -5.82 5.75
C THR A 351 24.76 -6.89 5.52
N VAL A 352 25.47 -6.81 4.39
CA VAL A 352 26.58 -7.71 4.12
C VAL A 352 27.92 -7.16 4.66
N ARG A 353 28.90 -8.04 4.80
CA ARG A 353 30.20 -7.67 5.34
C ARG A 353 31.25 -8.49 4.63
N THR A 354 32.36 -7.85 4.26
CA THR A 354 33.50 -8.59 3.72
C THR A 354 34.76 -8.00 4.29
N THR A 355 35.84 -8.76 4.17
CA THR A 355 37.12 -8.38 4.74
CA THR A 355 37.12 -8.36 4.73
C THR A 355 38.25 -8.40 3.71
N THR A 356 39.16 -7.44 3.82
CA THR A 356 40.32 -7.35 2.95
C THR A 356 41.57 -7.12 3.77
CA CA B . -10.94 -0.11 14.13
CA CA C . 28.41 6.35 1.08
CA CA D . -11.09 13.04 15.57
CA CA E . 16.52 -16.10 -8.11
#